data_1Q1A
#
_entry.id   1Q1A
#
_cell.length_a   98.421
_cell.length_b   98.421
_cell.length_c   77.254
_cell.angle_alpha   90.00
_cell.angle_beta   90.00
_cell.angle_gamma   120.00
#
_symmetry.space_group_name_H-M   'H 3'
#
loop_
_entity.id
_entity.type
_entity.pdbx_description
1 polymer 'HST2 protein'
2 polymer 'Histone H4'
3 non-polymer 'ZINC ION'
4 non-polymer "2'-O-ACETYL ADENOSINE-5-DIPHOSPHORIBOSE"
5 water water
#
loop_
_entity_poly.entity_id
_entity_poly.type
_entity_poly.pdbx_seq_one_letter_code
_entity_poly.pdbx_strand_id
1 'polypeptide(L)'
;TASTEMSVRKIAAHMKSNPNAKVIFMVGAGISTSCGIPDFRSPGTGLYHNLARLKLPYPEAVFDVDFFQSDPLPFYTLAK
ELYPGNFRPSKFHYLLKLFQDKDVLKRVYTQNIDTLERQAGVKDDLIIEAHGSFAHCHCIGCGKVYPPQVFKSKLAEHPI
KDFVKCDVCGELVKPAIVFFGEDLPDSFSETWLNDSEWLREKITTSGKHPQQPLVIVVGTSLAVYPFASLPEEIPRKVKR
VLCNLETVGDFKANKRPTDLIVHQYSDEFAEQLVEELGWQEDFEKILTA
;
A
2 'polypeptide(L)' KGGA(ALY)RHRKI B
#
# COMPACT_ATOMS: atom_id res chain seq x y z
N THR A 1 -2.79 1.74 -27.02
CA THR A 1 -3.50 1.37 -28.29
C THR A 1 -4.99 1.21 -28.02
N ALA A 2 -5.49 -0.01 -28.12
CA ALA A 2 -6.90 -0.29 -27.87
C ALA A 2 -7.22 0.08 -26.43
N SER A 3 -8.49 0.29 -26.14
CA SER A 3 -8.89 0.65 -24.80
C SER A 3 -8.63 -0.53 -23.87
N THR A 4 -8.47 -0.26 -22.59
CA THR A 4 -8.23 -1.31 -21.62
C THR A 4 -9.55 -1.93 -21.21
N GLU A 5 -10.63 -1.41 -21.77
CA GLU A 5 -11.97 -1.90 -21.44
C GLU A 5 -12.12 -3.40 -21.61
N MET A 6 -11.60 -3.95 -22.71
CA MET A 6 -11.71 -5.38 -22.94
C MET A 6 -11.00 -6.19 -21.85
N SER A 7 -9.84 -5.72 -21.41
CA SER A 7 -9.09 -6.42 -20.36
C SER A 7 -9.82 -6.34 -19.03
N VAL A 8 -10.30 -5.15 -18.68
CA VAL A 8 -11.02 -4.99 -17.41
C VAL A 8 -12.31 -5.80 -17.47
N ARG A 9 -12.84 -5.98 -18.67
CA ARG A 9 -14.06 -6.74 -18.87
C ARG A 9 -13.85 -8.19 -18.43
N LYS A 10 -12.66 -8.71 -18.67
CA LYS A 10 -12.34 -10.08 -18.29
C LYS A 10 -12.29 -10.24 -16.77
N ILE A 11 -11.90 -9.17 -16.08
CA ILE A 11 -11.85 -9.20 -14.62
C ILE A 11 -13.28 -9.27 -14.11
N ALA A 12 -14.16 -8.47 -14.69
CA ALA A 12 -15.56 -8.46 -14.31
C ALA A 12 -16.15 -9.83 -14.62
N ALA A 13 -15.78 -10.38 -15.78
CA ALA A 13 -16.27 -11.69 -16.19
C ALA A 13 -15.83 -12.75 -15.19
N HIS A 14 -14.60 -12.62 -14.70
CA HIS A 14 -14.08 -13.59 -13.73
C HIS A 14 -14.90 -13.53 -12.45
N MET A 15 -15.16 -12.32 -11.97
CA MET A 15 -15.91 -12.14 -10.73
C MET A 15 -17.33 -12.67 -10.86
N LYS A 16 -17.95 -12.44 -12.01
CA LYS A 16 -19.32 -12.89 -12.25
C LYS A 16 -19.43 -14.42 -12.30
N SER A 17 -18.40 -15.07 -12.83
CA SER A 17 -18.40 -16.53 -12.92
C SER A 17 -17.82 -17.19 -11.68
N ASN A 18 -17.16 -16.40 -10.84
CA ASN A 18 -16.58 -16.89 -9.59
C ASN A 18 -16.98 -15.92 -8.50
N PRO A 19 -18.30 -15.76 -8.29
CA PRO A 19 -18.86 -14.85 -7.28
C PRO A 19 -18.66 -15.21 -5.80
N ASN A 20 -18.53 -16.50 -5.50
CA ASN A 20 -18.38 -16.90 -4.10
C ASN A 20 -16.95 -16.99 -3.58
N ALA A 21 -16.11 -16.06 -4.03
CA ALA A 21 -14.73 -15.99 -3.60
C ALA A 21 -14.41 -14.50 -3.49
N LYS A 22 -14.19 -14.03 -2.27
CA LYS A 22 -13.88 -12.62 -2.07
C LYS A 22 -12.57 -12.26 -2.74
N VAL A 23 -12.34 -10.96 -2.94
CA VAL A 23 -11.15 -10.48 -3.61
C VAL A 23 -10.13 -9.84 -2.68
N ILE A 24 -8.86 -10.13 -2.93
CA ILE A 24 -7.76 -9.56 -2.15
C ILE A 24 -7.05 -8.51 -3.00
N PHE A 25 -6.77 -7.36 -2.40
CA PHE A 25 -6.05 -6.30 -3.10
C PHE A 25 -4.70 -6.10 -2.44
N MET A 26 -3.69 -5.81 -3.25
CA MET A 26 -2.34 -5.55 -2.78
C MET A 26 -1.98 -4.26 -3.51
N VAL A 27 -1.84 -3.18 -2.76
CA VAL A 27 -1.60 -1.87 -3.37
C VAL A 27 -0.41 -1.07 -2.89
N GLY A 28 -0.04 -0.09 -3.71
CA GLY A 28 1.07 0.80 -3.40
C GLY A 28 0.76 2.26 -3.71
N ALA A 29 1.81 3.06 -3.77
CA ALA A 29 1.69 4.50 -3.99
C ALA A 29 0.90 4.93 -5.22
N GLY A 30 0.85 4.08 -6.24
CA GLY A 30 0.12 4.42 -7.43
C GLY A 30 -1.33 4.77 -7.21
N ILE A 31 -1.98 4.15 -6.22
CA ILE A 31 -3.39 4.45 -6.01
C ILE A 31 -3.66 5.77 -5.31
N SER A 32 -2.62 6.50 -4.94
CA SER A 32 -2.83 7.79 -4.29
C SER A 32 -2.24 8.98 -5.03
N THR A 33 -1.63 8.74 -6.19
CA THR A 33 -1.05 9.85 -6.94
C THR A 33 -2.09 10.88 -7.36
N SER A 34 -3.29 10.43 -7.73
CA SER A 34 -4.33 11.37 -8.14
C SER A 34 -4.83 12.20 -6.96
N CYS A 35 -4.48 11.78 -5.75
CA CYS A 35 -4.87 12.50 -4.53
C CYS A 35 -3.87 13.63 -4.24
N GLY A 36 -2.78 13.66 -5.01
CA GLY A 36 -1.78 14.68 -4.81
C GLY A 36 -0.54 14.19 -4.07
N ILE A 37 -0.48 12.88 -3.82
CA ILE A 37 0.66 12.28 -3.15
C ILE A 37 1.52 11.58 -4.20
N PRO A 38 2.73 12.10 -4.46
CA PRO A 38 3.58 11.45 -5.47
C PRO A 38 3.96 10.03 -5.11
N ASP A 39 4.24 9.21 -6.11
CA ASP A 39 4.70 7.87 -5.79
C ASP A 39 6.17 8.03 -5.47
N PHE A 40 6.91 6.94 -5.37
CA PHE A 40 8.31 7.03 -5.00
C PHE A 40 9.35 6.81 -6.07
N ARG A 41 9.11 5.85 -6.95
CA ARG A 41 10.11 5.48 -7.95
C ARG A 41 9.90 5.75 -9.43
N SER A 42 8.79 6.38 -9.82
CA SER A 42 8.60 6.66 -11.23
C SER A 42 9.67 7.64 -11.68
N PRO A 43 10.30 7.37 -12.83
CA PRO A 43 11.35 8.26 -13.32
C PRO A 43 10.91 9.72 -13.41
N GLY A 44 11.73 10.60 -12.88
CA GLY A 44 11.42 12.03 -12.91
C GLY A 44 10.41 12.55 -11.91
N THR A 45 9.26 11.89 -11.83
CA THR A 45 8.18 12.34 -10.94
C THR A 45 8.15 11.70 -9.55
N GLY A 46 8.81 10.56 -9.38
CA GLY A 46 8.81 9.90 -8.09
C GLY A 46 9.49 10.73 -7.01
N LEU A 47 9.01 10.60 -5.78
CA LEU A 47 9.58 11.33 -4.65
C LEU A 47 11.09 11.16 -4.57
N TYR A 48 11.58 9.93 -4.72
CA TYR A 48 13.00 9.68 -4.64
C TYR A 48 13.79 10.34 -5.76
N HIS A 49 13.10 10.86 -6.77
CA HIS A 49 13.76 11.53 -7.88
C HIS A 49 13.75 13.03 -7.68
N ASN A 50 13.17 13.47 -6.57
CA ASN A 50 13.06 14.88 -6.25
C ASN A 50 13.54 15.21 -4.84
N LEU A 51 14.62 14.56 -4.42
CA LEU A 51 15.18 14.78 -3.09
C LEU A 51 16.63 15.25 -3.15
N ALA A 52 17.08 15.70 -4.32
CA ALA A 52 18.45 16.17 -4.47
C ALA A 52 18.84 17.26 -3.48
N ARG A 53 17.90 18.15 -3.17
CA ARG A 53 18.15 19.24 -2.25
C ARG A 53 18.48 18.81 -0.83
N LEU A 54 18.06 17.61 -0.44
CA LEU A 54 18.34 17.12 0.90
C LEU A 54 19.78 16.63 1.00
N LYS A 55 20.41 16.39 -0.15
CA LYS A 55 21.79 15.92 -0.19
C LYS A 55 22.02 14.73 0.73
N LEU A 56 21.15 13.73 0.60
CA LEU A 56 21.24 12.52 1.39
C LEU A 56 22.29 11.61 0.75
N PRO A 57 22.70 10.54 1.46
CA PRO A 57 23.70 9.65 0.87
C PRO A 57 23.07 9.08 -0.41
N TYR A 58 21.77 8.83 -0.32
CA TYR A 58 20.94 8.33 -1.41
C TYR A 58 19.49 8.52 -0.94
N PRO A 59 18.55 8.65 -1.88
CA PRO A 59 17.14 8.85 -1.58
C PRO A 59 16.50 7.98 -0.50
N GLU A 60 16.65 6.66 -0.62
CA GLU A 60 16.04 5.77 0.35
C GLU A 60 16.55 5.94 1.78
N ALA A 61 17.68 6.61 1.95
CA ALA A 61 18.21 6.81 3.29
C ALA A 61 17.26 7.65 4.15
N VAL A 62 16.41 8.44 3.52
CA VAL A 62 15.47 9.26 4.30
C VAL A 62 14.51 8.39 5.11
N PHE A 63 14.35 7.13 4.69
CA PHE A 63 13.48 6.18 5.38
C PHE A 63 14.28 5.01 5.93
N ASP A 64 15.56 5.21 6.17
CA ASP A 64 16.41 4.16 6.70
C ASP A 64 16.62 4.43 8.19
N VAL A 65 16.35 3.43 9.02
CA VAL A 65 16.47 3.60 10.46
C VAL A 65 17.88 3.91 10.94
N ASP A 66 18.89 3.37 10.26
CA ASP A 66 20.27 3.63 10.66
C ASP A 66 20.65 5.07 10.33
N PHE A 67 20.23 5.55 9.16
CA PHE A 67 20.55 6.93 8.80
C PHE A 67 19.80 7.88 9.72
N PHE A 68 18.54 7.58 9.98
CA PHE A 68 17.70 8.40 10.84
C PHE A 68 18.38 8.63 12.19
N GLN A 69 18.95 7.57 12.74
CA GLN A 69 19.62 7.66 14.03
C GLN A 69 20.84 8.57 13.95
N SER A 70 21.52 8.56 12.81
CA SER A 70 22.72 9.39 12.63
C SER A 70 22.35 10.87 12.46
N ASP A 71 21.23 11.12 11.80
CA ASP A 71 20.75 12.48 11.56
C ASP A 71 19.27 12.44 11.20
N PRO A 72 18.40 12.77 12.17
CA PRO A 72 16.96 12.77 11.95
C PRO A 72 16.38 13.95 11.16
N LEU A 73 17.20 14.99 10.92
CA LEU A 73 16.68 16.17 10.22
C LEU A 73 16.06 15.88 8.86
N PRO A 74 16.76 15.15 7.98
CA PRO A 74 16.15 14.88 6.67
C PRO A 74 14.74 14.31 6.75
N PHE A 75 14.53 13.31 7.61
CA PHE A 75 13.20 12.72 7.72
C PHE A 75 12.18 13.71 8.28
N TYR A 76 12.55 14.44 9.33
CA TYR A 76 11.60 15.40 9.91
C TYR A 76 11.18 16.39 8.84
N THR A 77 12.13 16.80 8.00
CA THR A 77 11.87 17.75 6.93
C THR A 77 10.85 17.20 5.93
N LEU A 78 11.05 15.95 5.51
CA LEU A 78 10.14 15.33 4.55
C LEU A 78 8.79 15.00 5.16
N ALA A 79 8.80 14.58 6.43
CA ALA A 79 7.57 14.21 7.12
C ALA A 79 6.55 15.35 7.13
N LYS A 80 7.05 16.58 7.16
CA LYS A 80 6.16 17.74 7.16
C LYS A 80 5.26 17.71 5.93
N GLU A 81 5.84 17.31 4.80
CA GLU A 81 5.12 17.27 3.53
C GLU A 81 4.18 16.09 3.32
N LEU A 82 4.45 14.97 3.95
CA LEU A 82 3.61 13.81 3.74
C LEU A 82 2.69 13.45 4.91
N TYR A 83 2.65 14.31 5.93
CA TYR A 83 1.78 14.04 7.08
C TYR A 83 0.33 14.11 6.62
N PRO A 84 -0.48 13.11 6.99
CA PRO A 84 -1.90 13.05 6.61
C PRO A 84 -2.73 14.23 7.13
N GLY A 85 -3.89 14.43 6.52
CA GLY A 85 -4.76 15.51 6.95
C GLY A 85 -5.47 16.30 5.86
N ASN A 86 -4.74 16.68 4.82
CA ASN A 86 -5.33 17.47 3.74
C ASN A 86 -5.58 16.70 2.45
N PHE A 87 -5.39 15.38 2.48
CA PHE A 87 -5.62 14.59 1.28
C PHE A 87 -6.95 13.86 1.37
N ARG A 88 -7.60 13.67 0.23
CA ARG A 88 -8.88 12.98 0.15
C ARG A 88 -8.73 11.70 -0.67
N PRO A 89 -9.52 10.66 -0.34
CA PRO A 89 -9.45 9.40 -1.08
C PRO A 89 -9.77 9.55 -2.56
N SER A 90 -9.21 8.65 -3.36
CA SER A 90 -9.42 8.65 -4.80
C SER A 90 -10.57 7.73 -5.16
N LYS A 91 -10.95 7.74 -6.43
CA LYS A 91 -12.01 6.87 -6.91
C LYS A 91 -11.62 5.41 -6.65
N PHE A 92 -10.33 5.10 -6.79
CA PHE A 92 -9.90 3.73 -6.52
C PHE A 92 -10.11 3.38 -5.05
N HIS A 93 -9.85 4.33 -4.16
CA HIS A 93 -10.07 4.03 -2.75
C HIS A 93 -11.55 3.72 -2.52
N TYR A 94 -12.42 4.43 -3.20
CA TYR A 94 -13.86 4.19 -3.05
C TYR A 94 -14.26 2.85 -3.69
N LEU A 95 -13.44 2.36 -4.62
CA LEU A 95 -13.73 1.06 -5.23
C LEU A 95 -13.55 0.01 -4.13
N LEU A 96 -12.56 0.21 -3.26
CA LEU A 96 -12.34 -0.72 -2.16
C LEU A 96 -13.58 -0.68 -1.26
N LYS A 97 -14.10 0.52 -1.02
CA LYS A 97 -15.29 0.65 -0.18
C LYS A 97 -16.48 -0.05 -0.85
N LEU A 98 -16.57 0.06 -2.17
CA LEU A 98 -17.66 -0.60 -2.90
C LEU A 98 -17.59 -2.11 -2.72
N PHE A 99 -16.40 -2.68 -2.86
CA PHE A 99 -16.23 -4.12 -2.70
C PHE A 99 -16.62 -4.52 -1.28
N GLN A 100 -16.31 -3.67 -0.32
CA GLN A 100 -16.66 -3.94 1.07
C GLN A 100 -18.18 -3.92 1.23
N ASP A 101 -18.83 -2.92 0.65
CA ASP A 101 -20.29 -2.82 0.73
C ASP A 101 -20.99 -4.05 0.14
N LYS A 102 -20.40 -4.62 -0.90
CA LYS A 102 -20.96 -5.80 -1.56
C LYS A 102 -20.48 -7.07 -0.85
N ASP A 103 -19.63 -6.87 0.16
CA ASP A 103 -19.05 -7.93 0.95
C ASP A 103 -18.23 -8.91 0.11
N VAL A 104 -17.45 -8.37 -0.83
CA VAL A 104 -16.59 -9.19 -1.67
C VAL A 104 -15.13 -8.77 -1.48
N LEU A 105 -14.88 -7.99 -0.43
CA LEU A 105 -13.51 -7.57 -0.12
C LEU A 105 -12.96 -8.47 0.99
N LYS A 106 -11.98 -9.29 0.65
CA LYS A 106 -11.37 -10.18 1.63
C LYS A 106 -10.36 -9.38 2.46
N ARG A 107 -9.56 -8.56 1.77
CA ARG A 107 -8.54 -7.78 2.45
C ARG A 107 -7.85 -6.83 1.49
N VAL A 108 -7.29 -5.76 2.03
CA VAL A 108 -6.50 -4.84 1.25
C VAL A 108 -5.17 -4.71 1.98
N TYR A 109 -4.11 -5.17 1.35
CA TYR A 109 -2.77 -5.06 1.90
C TYR A 109 -2.22 -3.81 1.24
N THR A 110 -1.92 -2.79 2.05
CA THR A 110 -1.40 -1.55 1.50
C THR A 110 -0.01 -1.18 2.03
N GLN A 111 0.79 -0.60 1.15
CA GLN A 111 2.13 -0.15 1.51
C GLN A 111 2.09 1.34 1.80
N ASN A 112 0.92 1.96 1.58
CA ASN A 112 0.81 3.40 1.79
C ASN A 112 0.62 3.79 3.25
N ILE A 113 1.15 4.96 3.58
CA ILE A 113 1.05 5.47 4.94
C ILE A 113 0.07 6.63 5.03
N ASP A 114 -0.68 6.86 3.97
CA ASP A 114 -1.65 7.96 3.94
C ASP A 114 -2.99 7.67 4.62
N THR A 115 -3.23 6.40 4.94
CA THR A 115 -4.46 5.96 5.60
C THR A 115 -5.72 6.33 4.82
N LEU A 116 -5.59 6.50 3.50
CA LEU A 116 -6.75 6.86 2.70
C LEU A 116 -7.76 5.72 2.53
N GLU A 117 -7.33 4.47 2.74
CA GLU A 117 -8.27 3.36 2.65
C GLU A 117 -9.27 3.51 3.79
N ARG A 118 -8.75 3.80 4.98
CA ARG A 118 -9.57 3.98 6.17
C ARG A 118 -10.47 5.20 5.99
N GLN A 119 -9.90 6.27 5.43
CA GLN A 119 -10.67 7.50 5.23
C GLN A 119 -11.79 7.30 4.22
N ALA A 120 -11.67 6.28 3.36
CA ALA A 120 -12.68 5.99 2.37
C ALA A 120 -13.79 5.13 2.97
N GLY A 121 -13.61 4.73 4.22
CA GLY A 121 -14.61 3.91 4.88
C GLY A 121 -14.31 2.43 4.98
N VAL A 122 -13.15 1.99 4.51
CA VAL A 122 -12.80 0.58 4.61
C VAL A 122 -12.56 0.25 6.08
N LYS A 123 -13.15 -0.85 6.54
CA LYS A 123 -13.04 -1.29 7.93
C LYS A 123 -11.63 -1.67 8.34
N ASP A 124 -11.28 -1.38 9.58
CA ASP A 124 -9.96 -1.68 10.12
C ASP A 124 -9.57 -3.15 9.95
N ASP A 125 -10.52 -4.04 10.19
CA ASP A 125 -10.26 -5.47 10.07
C ASP A 125 -9.89 -5.93 8.66
N LEU A 126 -10.26 -5.15 7.65
CA LEU A 126 -9.96 -5.53 6.28
C LEU A 126 -8.73 -4.85 5.72
N ILE A 127 -8.10 -4.01 6.53
CA ILE A 127 -6.91 -3.28 6.10
C ILE A 127 -5.64 -3.73 6.79
N ILE A 128 -4.59 -3.94 6.02
CA ILE A 128 -3.29 -4.28 6.59
C ILE A 128 -2.36 -3.18 6.09
N GLU A 129 -2.02 -2.25 6.97
CA GLU A 129 -1.11 -1.17 6.63
C GLU A 129 0.27 -1.76 6.88
N ALA A 130 0.76 -2.47 5.87
CA ALA A 130 2.03 -3.18 5.94
C ALA A 130 3.25 -2.35 6.29
N HIS A 131 3.22 -1.08 5.92
CA HIS A 131 4.36 -0.22 6.19
C HIS A 131 4.11 0.79 7.30
N GLY A 132 3.10 0.50 8.12
CA GLY A 132 2.77 1.36 9.24
C GLY A 132 2.04 2.63 8.89
N SER A 133 2.10 3.61 9.79
CA SER A 133 1.44 4.90 9.57
C SER A 133 1.87 5.85 10.68
N PHE A 134 1.30 7.06 10.64
CA PHE A 134 1.58 8.09 11.62
C PHE A 134 0.65 7.99 12.83
N ALA A 135 -0.14 6.92 12.89
CA ALA A 135 -1.09 6.72 13.99
C ALA A 135 -0.47 6.86 15.37
N HIS A 136 0.77 6.38 15.52
CA HIS A 136 1.47 6.50 16.79
C HIS A 136 2.98 6.56 16.54
N CYS A 137 3.74 6.74 17.62
CA CYS A 137 5.19 6.81 17.51
C CYS A 137 5.83 5.75 18.39
N HIS A 138 7.13 5.56 18.23
CA HIS A 138 7.84 4.57 19.02
C HIS A 138 9.32 4.90 19.09
N CYS A 139 9.97 4.39 20.11
CA CYS A 139 11.39 4.59 20.31
C CYS A 139 12.12 3.54 19.45
N ILE A 140 13.10 3.99 18.69
CA ILE A 140 13.84 3.07 17.83
C ILE A 140 14.80 2.21 18.66
N GLY A 141 14.96 2.58 19.92
CA GLY A 141 15.85 1.84 20.81
C GLY A 141 15.19 0.72 21.58
N CYS A 142 14.26 1.07 22.47
CA CYS A 142 13.58 0.07 23.29
C CYS A 142 12.18 -0.29 22.79
N GLY A 143 11.67 0.49 21.84
CA GLY A 143 10.35 0.22 21.30
C GLY A 143 9.20 0.84 22.06
N LYS A 144 9.49 1.68 23.05
CA LYS A 144 8.42 2.32 23.80
C LYS A 144 7.48 3.04 22.84
N VAL A 145 6.18 2.95 23.13
CA VAL A 145 5.16 3.58 22.30
C VAL A 145 4.78 4.96 22.82
N TYR A 146 4.58 5.89 21.90
CA TYR A 146 4.18 7.26 22.23
C TYR A 146 3.02 7.71 21.35
N PRO A 147 2.25 8.71 21.81
CA PRO A 147 1.11 9.23 21.05
C PRO A 147 1.68 9.96 19.84
N PRO A 148 0.89 10.11 18.77
CA PRO A 148 1.38 10.81 17.59
C PRO A 148 1.62 12.31 17.79
N GLN A 149 0.92 12.91 18.74
CA GLN A 149 1.04 14.34 19.00
C GLN A 149 2.45 14.81 19.32
N VAL A 150 3.23 13.95 19.98
CA VAL A 150 4.60 14.30 20.35
C VAL A 150 5.41 14.64 19.10
N PHE A 151 5.30 13.82 18.08
CA PHE A 151 6.04 14.02 16.84
C PHE A 151 5.44 15.15 15.98
N LYS A 152 4.12 15.15 15.85
CA LYS A 152 3.43 16.16 15.05
C LYS A 152 3.76 17.57 15.53
N SER A 153 3.82 17.74 16.84
CA SER A 153 4.13 19.04 17.40
C SER A 153 5.51 19.50 16.97
N LYS A 154 6.49 18.60 17.00
CA LYS A 154 7.85 18.92 16.59
C LYS A 154 7.93 19.32 15.13
N LEU A 155 7.17 18.64 14.28
CA LEU A 155 7.16 18.91 12.85
C LEU A 155 6.72 20.33 12.53
N ALA A 156 5.87 20.89 13.38
CA ALA A 156 5.36 22.24 13.17
C ALA A 156 6.35 23.31 13.61
N GLU A 157 7.47 22.89 14.20
CA GLU A 157 8.49 23.82 14.66
C GLU A 157 9.43 24.21 13.54
N HIS A 158 9.98 25.41 13.62
CA HIS A 158 10.93 25.88 12.62
C HIS A 158 11.66 27.11 13.13
N PRO A 159 12.98 26.99 13.36
CA PRO A 159 13.74 25.75 13.15
C PRO A 159 13.65 24.79 14.34
N ILE A 160 13.77 23.50 14.06
CA ILE A 160 13.73 22.50 15.13
C ILE A 160 15.06 22.56 15.85
N LYS A 161 15.02 22.45 17.18
CA LYS A 161 16.23 22.50 17.99
C LYS A 161 16.58 21.10 18.47
N ASP A 162 15.65 20.47 19.16
CA ASP A 162 15.84 19.12 19.69
C ASP A 162 14.77 18.20 19.13
N PHE A 163 15.15 16.96 18.86
CA PHE A 163 14.20 15.98 18.33
C PHE A 163 13.62 15.16 19.48
N VAL A 164 12.45 14.56 19.24
CA VAL A 164 11.80 13.75 20.26
C VAL A 164 12.66 12.57 20.66
N LYS A 165 12.81 12.38 21.97
CA LYS A 165 13.61 11.28 22.50
C LYS A 165 12.86 10.49 23.56
N CYS A 166 13.23 9.22 23.71
CA CYS A 166 12.61 8.32 24.68
C CYS A 166 13.06 8.66 26.10
N ASP A 167 12.12 8.71 27.03
CA ASP A 167 12.45 9.02 28.41
C ASP A 167 12.86 7.78 29.19
N VAL A 168 12.87 6.64 28.51
CA VAL A 168 13.25 5.37 29.13
C VAL A 168 14.68 4.97 28.77
N CYS A 169 15.05 5.09 27.51
CA CYS A 169 16.40 4.72 27.09
C CYS A 169 17.16 5.85 26.41
N GLY A 170 16.46 6.95 26.09
CA GLY A 170 17.12 8.08 25.47
C GLY A 170 17.28 8.10 23.96
N GLU A 171 16.84 7.05 23.28
CA GLU A 171 16.97 6.99 21.83
C GLU A 171 15.88 7.82 21.14
N LEU A 172 16.04 8.07 19.85
CA LEU A 172 15.09 8.86 19.08
C LEU A 172 13.73 8.20 18.91
N VAL A 173 12.69 9.03 18.87
CA VAL A 173 11.32 8.55 18.69
C VAL A 173 10.86 9.00 17.31
N LYS A 174 10.15 8.11 16.60
CA LYS A 174 9.67 8.45 15.27
C LYS A 174 8.30 7.82 15.04
N PRO A 175 7.59 8.26 13.99
CA PRO A 175 6.27 7.71 13.69
C PRO A 175 6.42 6.21 13.41
N ALA A 176 5.37 5.45 13.71
CA ALA A 176 5.37 4.01 13.51
C ALA A 176 5.27 3.61 12.03
N ILE A 177 6.09 4.24 11.20
CA ILE A 177 6.17 3.93 9.78
C ILE A 177 7.34 2.96 9.72
N VAL A 178 7.22 1.90 8.93
CA VAL A 178 8.31 0.93 8.85
C VAL A 178 9.44 1.42 7.97
N PHE A 179 10.59 1.67 8.59
CA PHE A 179 11.77 2.15 7.88
C PHE A 179 12.58 0.95 7.39
N PHE A 180 13.45 1.18 6.41
CA PHE A 180 14.31 0.10 5.95
C PHE A 180 15.11 -0.32 7.17
N GLY A 181 15.23 -1.62 7.38
CA GLY A 181 15.97 -2.10 8.54
C GLY A 181 15.08 -2.48 9.71
N GLU A 182 13.79 -2.16 9.63
CA GLU A 182 12.85 -2.50 10.70
C GLU A 182 11.92 -3.59 10.22
N ASP A 183 11.38 -4.36 11.17
CA ASP A 183 10.44 -5.41 10.80
C ASP A 183 9.06 -4.82 10.65
N LEU A 184 8.24 -5.47 9.84
CA LEU A 184 6.88 -5.01 9.62
C LEU A 184 6.04 -5.42 10.83
N PRO A 185 4.87 -4.78 10.99
CA PRO A 185 4.02 -5.16 12.13
C PRO A 185 3.66 -6.65 12.06
N ASP A 186 3.54 -7.29 13.21
CA ASP A 186 3.22 -8.71 13.24
C ASP A 186 1.95 -9.05 12.49
N SER A 187 1.01 -8.11 12.46
CA SER A 187 -0.26 -8.31 11.77
C SER A 187 -0.10 -8.64 10.30
N PHE A 188 1.00 -8.16 9.69
CA PHE A 188 1.24 -8.42 8.28
C PHE A 188 1.32 -9.91 7.97
N SER A 189 2.32 -10.59 8.53
CA SER A 189 2.48 -12.00 8.27
C SER A 189 1.38 -12.85 8.88
N GLU A 190 0.83 -12.41 10.00
CA GLU A 190 -0.24 -13.15 10.65
C GLU A 190 -1.45 -13.19 9.74
N THR A 191 -1.82 -12.03 9.21
CA THR A 191 -2.98 -11.96 8.33
C THR A 191 -2.74 -12.64 6.98
N TRP A 192 -1.53 -12.52 6.45
CA TRP A 192 -1.23 -13.16 5.18
C TRP A 192 -1.27 -14.68 5.38
N LEU A 193 -0.85 -15.14 6.56
CA LEU A 193 -0.88 -16.57 6.83
C LEU A 193 -2.34 -17.01 6.77
N ASN A 194 -3.21 -16.23 7.40
CA ASN A 194 -4.63 -16.54 7.42
C ASN A 194 -5.25 -16.50 6.03
N ASP A 195 -5.01 -15.43 5.29
CA ASP A 195 -5.57 -15.33 3.96
C ASP A 195 -4.99 -16.35 2.98
N SER A 196 -3.73 -16.73 3.19
CA SER A 196 -3.10 -17.73 2.33
C SER A 196 -3.75 -19.08 2.58
N GLU A 197 -4.07 -19.36 3.84
CA GLU A 197 -4.72 -20.60 4.21
C GLU A 197 -6.10 -20.60 3.55
N TRP A 198 -6.76 -19.45 3.61
CA TRP A 198 -8.09 -19.29 3.04
C TRP A 198 -8.04 -19.53 1.53
N LEU A 199 -7.01 -19.01 0.88
CA LEU A 199 -6.88 -19.19 -0.56
C LEU A 199 -6.72 -20.67 -0.90
N ARG A 200 -5.94 -21.39 -0.09
CA ARG A 200 -5.75 -22.82 -0.34
C ARG A 200 -7.07 -23.56 -0.17
N GLU A 201 -7.79 -23.24 0.90
CA GLU A 201 -9.07 -23.89 1.16
C GLU A 201 -10.02 -23.70 -0.03
N LYS A 202 -9.99 -22.50 -0.60
CA LYS A 202 -10.84 -22.17 -1.74
C LYS A 202 -10.48 -22.96 -2.99
N ILE A 203 -9.19 -23.16 -3.22
CA ILE A 203 -8.73 -23.88 -4.40
C ILE A 203 -8.67 -25.39 -4.15
N THR A 204 -8.52 -25.78 -2.89
CA THR A 204 -8.47 -27.21 -2.56
C THR A 204 -9.89 -27.65 -2.27
N THR A 205 -10.80 -26.67 -2.19
CA THR A 205 -12.21 -26.90 -1.93
C THR A 205 -12.46 -28.10 -1.01
N PRO A 210 -15.81 -25.68 -8.63
CA PRO A 210 -15.08 -24.82 -7.70
C PRO A 210 -14.84 -23.46 -8.32
N GLN A 211 -14.70 -22.43 -7.50
CA GLN A 211 -14.48 -21.08 -7.99
C GLN A 211 -13.10 -20.55 -7.59
N GLN A 212 -12.43 -19.95 -8.57
CA GLN A 212 -11.08 -19.43 -8.40
C GLN A 212 -10.99 -18.03 -7.79
N PRO A 213 -10.24 -17.88 -6.69
CA PRO A 213 -10.09 -16.58 -6.03
C PRO A 213 -9.32 -15.61 -6.93
N LEU A 214 -9.46 -14.32 -6.65
CA LEU A 214 -8.80 -13.29 -7.42
C LEU A 214 -7.98 -12.36 -6.53
N VAL A 215 -6.75 -12.07 -6.96
CA VAL A 215 -5.89 -11.15 -6.22
C VAL A 215 -5.52 -10.06 -7.21
N ILE A 216 -5.82 -8.81 -6.85
CA ILE A 216 -5.53 -7.68 -7.72
C ILE A 216 -4.43 -6.81 -7.11
N VAL A 217 -3.31 -6.70 -7.83
CA VAL A 217 -2.17 -5.91 -7.41
C VAL A 217 -2.24 -4.60 -8.18
N VAL A 218 -2.22 -3.48 -7.46
CA VAL A 218 -2.36 -2.18 -8.11
C VAL A 218 -1.39 -1.09 -7.63
N GLY A 219 -0.82 -0.35 -8.58
CA GLY A 219 0.05 0.76 -8.27
C GLY A 219 1.23 0.57 -7.35
N THR A 220 2.03 -0.44 -7.64
CA THR A 220 3.24 -0.70 -6.86
C THR A 220 4.30 -1.26 -7.79
N SER A 221 5.55 -0.92 -7.53
CA SER A 221 6.64 -1.40 -8.36
C SER A 221 7.23 -2.72 -7.84
N LEU A 222 6.72 -3.19 -6.71
CA LEU A 222 7.16 -4.43 -6.11
C LEU A 222 8.69 -4.46 -5.98
N ALA A 223 9.25 -3.33 -5.53
CA ALA A 223 10.68 -3.20 -5.36
C ALA A 223 11.12 -3.36 -3.91
N VAL A 224 10.16 -3.40 -3.00
CA VAL A 224 10.47 -3.51 -1.58
C VAL A 224 9.95 -4.78 -0.91
N TYR A 225 10.83 -5.46 -0.19
CA TYR A 225 10.46 -6.66 0.53
C TYR A 225 10.30 -6.33 2.01
N PRO A 226 9.57 -7.17 2.76
CA PRO A 226 8.90 -8.39 2.29
C PRO A 226 7.57 -8.24 1.54
N PHE A 227 7.06 -7.02 1.39
CA PHE A 227 5.77 -6.88 0.71
C PHE A 227 5.77 -7.48 -0.68
N ALA A 228 6.87 -7.28 -1.42
CA ALA A 228 6.97 -7.79 -2.79
C ALA A 228 6.92 -9.32 -2.88
N SER A 229 7.05 -10.00 -1.75
CA SER A 229 7.00 -11.45 -1.76
C SER A 229 5.56 -11.96 -1.84
N LEU A 230 4.59 -11.09 -1.58
CA LEU A 230 3.19 -11.50 -1.61
C LEU A 230 2.73 -12.07 -2.95
N PRO A 231 2.97 -11.35 -4.06
CA PRO A 231 2.54 -11.89 -5.36
C PRO A 231 3.16 -13.26 -5.65
N GLU A 232 4.42 -13.43 -5.25
CA GLU A 232 5.14 -14.68 -5.45
C GLU A 232 4.50 -15.83 -4.68
N GLU A 233 4.00 -15.50 -3.48
CA GLU A 233 3.41 -16.50 -2.61
C GLU A 233 1.95 -16.84 -2.89
N ILE A 234 1.36 -16.18 -3.88
CA ILE A 234 -0.03 -16.46 -4.23
C ILE A 234 -0.02 -17.86 -4.85
N PRO A 235 -0.91 -18.75 -4.39
CA PRO A 235 -0.95 -20.11 -4.94
C PRO A 235 -1.15 -20.08 -6.46
N ARG A 236 -0.53 -21.03 -7.17
CA ARG A 236 -0.66 -21.08 -8.62
C ARG A 236 -2.09 -21.18 -9.12
N LYS A 237 -2.96 -21.82 -8.34
CA LYS A 237 -4.36 -21.97 -8.75
C LYS A 237 -5.22 -20.74 -8.53
N VAL A 238 -4.63 -19.67 -8.00
CA VAL A 238 -5.35 -18.42 -7.76
C VAL A 238 -4.99 -17.45 -8.89
N LYS A 239 -6.00 -16.80 -9.46
CA LYS A 239 -5.75 -15.86 -10.56
C LYS A 239 -5.21 -14.51 -10.10
N ARG A 240 -4.11 -14.08 -10.72
CA ARG A 240 -3.47 -12.81 -10.38
C ARG A 240 -3.72 -11.73 -11.44
N VAL A 241 -3.99 -10.52 -10.97
CA VAL A 241 -4.21 -9.38 -11.85
C VAL A 241 -3.29 -8.26 -11.42
N LEU A 242 -2.69 -7.58 -12.39
CA LEU A 242 -1.82 -6.46 -12.10
C LEU A 242 -2.32 -5.24 -12.87
N CYS A 243 -2.70 -4.19 -12.14
CA CYS A 243 -3.11 -2.95 -12.79
C CYS A 243 -1.99 -2.01 -12.39
N ASN A 244 -1.14 -1.65 -13.35
CA ASN A 244 -0.01 -0.80 -13.06
C ASN A 244 0.48 -0.19 -14.36
N LEU A 245 1.08 0.98 -14.30
CA LEU A 245 1.57 1.61 -15.53
C LEU A 245 2.74 0.83 -16.15
N GLU A 246 3.38 -0.02 -15.35
CA GLU A 246 4.51 -0.83 -15.83
C GLU A 246 4.37 -2.27 -15.33
N THR A 247 4.84 -3.24 -16.12
CA THR A 247 4.80 -4.62 -15.68
C THR A 247 5.99 -4.75 -14.74
N VAL A 248 5.72 -5.21 -13.51
CA VAL A 248 6.75 -5.27 -12.50
C VAL A 248 6.80 -6.56 -11.66
N GLY A 249 7.87 -6.67 -10.88
CA GLY A 249 8.06 -7.80 -10.00
C GLY A 249 7.84 -9.18 -10.56
N ASP A 250 7.13 -10.01 -9.81
CA ASP A 250 6.88 -11.38 -10.23
C ASP A 250 6.03 -11.50 -11.50
N PHE A 251 5.38 -10.42 -11.91
CA PHE A 251 4.59 -10.45 -13.13
C PHE A 251 5.49 -10.35 -14.36
N LYS A 252 6.68 -9.82 -14.15
CA LYS A 252 7.65 -9.66 -15.22
C LYS A 252 8.69 -10.76 -15.13
N ALA A 253 9.09 -11.08 -13.90
CA ALA A 253 10.09 -12.10 -13.64
C ALA A 253 9.58 -13.51 -13.91
N ASN A 254 8.40 -13.82 -13.40
CA ASN A 254 7.82 -15.16 -13.57
C ASN A 254 6.36 -15.14 -13.99
N LYS A 255 6.12 -14.61 -15.19
CA LYS A 255 4.79 -14.52 -15.76
C LYS A 255 4.08 -15.88 -15.70
N ARG A 256 2.86 -15.91 -15.17
CA ARG A 256 2.09 -17.14 -15.10
C ARG A 256 1.03 -17.08 -16.21
N PRO A 257 0.68 -18.25 -16.78
CA PRO A 257 -0.31 -18.30 -17.85
C PRO A 257 -1.61 -17.54 -17.58
N THR A 258 -2.14 -17.68 -16.37
CA THR A 258 -3.39 -17.03 -16.01
C THR A 258 -3.27 -15.57 -15.56
N ASP A 259 -2.06 -15.04 -15.52
CA ASP A 259 -1.87 -13.65 -15.11
C ASP A 259 -2.54 -12.72 -16.12
N LEU A 260 -3.15 -11.66 -15.61
CA LEU A 260 -3.80 -10.67 -16.45
C LEU A 260 -3.18 -9.32 -16.09
N ILE A 261 -2.47 -8.73 -17.04
CA ILE A 261 -1.83 -7.44 -16.82
C ILE A 261 -2.56 -6.34 -17.57
N VAL A 262 -2.88 -5.26 -16.85
CA VAL A 262 -3.57 -4.12 -17.42
C VAL A 262 -2.77 -2.84 -17.14
N HIS A 263 -2.29 -2.19 -18.20
CA HIS A 263 -1.54 -0.95 -18.03
C HIS A 263 -2.54 0.19 -18.06
N GLN A 264 -2.93 0.65 -16.87
CA GLN A 264 -3.93 1.71 -16.77
C GLN A 264 -3.77 2.40 -15.43
N TYR A 265 -4.27 3.63 -15.34
CA TYR A 265 -4.20 4.37 -14.10
C TYR A 265 -5.28 3.80 -13.18
N SER A 266 -4.96 3.72 -11.89
CA SER A 266 -5.88 3.15 -10.92
C SER A 266 -7.31 3.70 -10.90
N ASP A 267 -7.48 5.02 -11.00
CA ASP A 267 -8.84 5.56 -10.97
C ASP A 267 -9.63 5.14 -12.21
N GLU A 268 -9.01 5.25 -13.38
CA GLU A 268 -9.67 4.89 -14.62
C GLU A 268 -10.01 3.40 -14.63
N PHE A 269 -9.10 2.59 -14.08
CA PHE A 269 -9.31 1.15 -13.98
C PHE A 269 -10.56 0.92 -13.11
N ALA A 270 -10.63 1.62 -11.98
CA ALA A 270 -11.76 1.48 -11.08
C ALA A 270 -13.08 1.84 -11.77
N GLU A 271 -13.06 2.93 -12.54
CA GLU A 271 -14.27 3.36 -13.23
C GLU A 271 -14.73 2.34 -14.27
N GLN A 272 -13.75 1.77 -14.99
CA GLN A 272 -14.07 0.77 -16.00
C GLN A 272 -14.59 -0.49 -15.34
N LEU A 273 -13.99 -0.89 -14.22
CA LEU A 273 -14.44 -2.09 -13.54
C LEU A 273 -15.86 -1.93 -13.00
N VAL A 274 -16.17 -0.79 -12.41
CA VAL A 274 -17.51 -0.55 -11.87
C VAL A 274 -18.51 -0.64 -13.02
N GLU A 275 -18.17 -0.03 -14.15
CA GLU A 275 -19.02 -0.03 -15.33
C GLU A 275 -19.28 -1.45 -15.82
N GLU A 276 -18.22 -2.24 -15.98
CA GLU A 276 -18.35 -3.62 -16.46
C GLU A 276 -19.07 -4.55 -15.49
N LEU A 277 -19.01 -4.25 -14.19
CA LEU A 277 -19.70 -5.06 -13.19
C LEU A 277 -21.16 -4.66 -13.08
N GLY A 278 -21.46 -3.45 -13.53
CA GLY A 278 -22.83 -2.95 -13.47
C GLY A 278 -23.22 -2.54 -12.07
N TRP A 279 -22.25 -2.07 -11.30
CA TRP A 279 -22.50 -1.65 -9.91
C TRP A 279 -22.50 -0.13 -9.76
N GLN A 280 -22.92 0.57 -10.81
CA GLN A 280 -22.96 2.03 -10.76
C GLN A 280 -23.88 2.59 -9.68
N GLU A 281 -25.05 1.98 -9.48
CA GLU A 281 -25.97 2.48 -8.47
C GLU A 281 -25.37 2.50 -7.07
N ASP A 282 -24.73 1.42 -6.67
CA ASP A 282 -24.14 1.37 -5.35
C ASP A 282 -22.87 2.18 -5.24
N PHE A 283 -22.13 2.32 -6.33
CA PHE A 283 -20.91 3.11 -6.32
C PHE A 283 -21.30 4.57 -6.11
N GLU A 284 -22.39 4.97 -6.75
CA GLU A 284 -22.90 6.34 -6.64
C GLU A 284 -23.24 6.72 -5.20
N LYS A 285 -23.82 5.76 -4.46
CA LYS A 285 -24.16 6.03 -3.06
C LYS A 285 -22.91 6.36 -2.25
N ILE A 286 -21.79 5.76 -2.64
CA ILE A 286 -20.53 5.99 -1.94
C ILE A 286 -19.89 7.33 -2.27
N LEU A 287 -19.79 7.64 -3.57
CA LEU A 287 -19.18 8.90 -3.99
C LEU A 287 -19.94 10.12 -3.48
N THR A 288 -21.20 9.93 -3.12
CA THR A 288 -22.02 11.05 -2.63
C THR A 288 -22.32 10.96 -1.14
N ALA A 289 -21.86 9.88 -0.51
CA ALA A 289 -22.09 9.68 0.92
C ALA A 289 -21.21 10.61 1.74
N LYS B 1 6.63 -13.76 3.18
CA LYS B 1 7.93 -13.74 3.89
C LYS B 1 8.01 -12.65 4.94
N GLY B 2 9.00 -12.75 5.81
CA GLY B 2 9.20 -11.77 6.86
C GLY B 2 10.56 -11.12 6.70
N GLY B 3 11.16 -10.75 7.82
CA GLY B 3 12.46 -10.12 7.78
C GLY B 3 12.36 -8.61 7.73
N ALA B 4 13.50 -7.95 7.91
CA ALA B 4 13.55 -6.49 7.90
C ALA B 4 13.19 -5.89 6.54
N ARG B 6 13.35 -4.07 3.30
CA ARG B 6 14.54 -3.88 2.49
C ARG B 6 14.23 -3.72 1.01
N HIS B 7 15.09 -2.99 0.31
CA HIS B 7 14.90 -2.85 -1.13
C HIS B 7 15.32 -4.21 -1.68
N ARG B 8 14.57 -4.72 -2.65
CA ARG B 8 14.86 -6.00 -3.26
C ARG B 8 16.29 -6.10 -3.77
N LYS B 9 16.86 -7.29 -3.69
CA LYS B 9 18.23 -7.51 -4.17
C LYS B 9 18.22 -7.46 -5.70
N ILE B 10 19.30 -6.92 -6.27
CA ILE B 10 19.42 -6.83 -7.73
C ILE B 10 20.61 -7.66 -8.19
#